data_2E1W
#
_entry.id   2E1W
#
_cell.length_a   78.410
_cell.length_b   78.410
_cell.length_c   137.460
_cell.angle_alpha   90.00
_cell.angle_beta   90.00
_cell.angle_gamma   90.00
#
_symmetry.space_group_name_H-M   'P 43 21 2'
#
loop_
_entity.id
_entity.type
_entity.pdbx_description
1 polymer 'Adenosine deaminase'
2 non-polymer 'ZINC ION'
3 non-polymer 1-{(1R,2S)-2-HYDROXY-1-[2-(1-NAPHTHYL)ETHYL]PROPYL}-1H-IMIDAZOLE-4-CARBOXAMIDE
4 water water
#
_entity_poly.entity_id   1
_entity_poly.type   'polypeptide(L)'
_entity_poly.pdbx_seq_one_letter_code
;AQTPAFDKPKVELHVHLDGAIKPETILYYGKRRGIALPADTPEELQNIIGMDKPLTLPDFLAKFDYYMPAIAGCRDAIKR
IAYEFVEMKAKDGVVYVEVRYSPHLLANSKVEPIPWNQAEGDLTPDEVVSLVNQGLQEGERDFGVKVRSILCCMRHQPSW
SSEVVELCKKYREQTVVAIDLAGDETIEGSSLFPGHVQAYAEAVKSGVHRTVHAGEVGSANVVKEAVDTLKTERLGHGYH
TLEDTTLYNRLRQENMHFEICPWSSYLTGAWKPDTEHAVIRFKNDQVNYSLNTDDPLIFKSTLDTDYQMTKKDMGFTEEE
FKRLNINAAKSSFLPEDEKKELLDLLYKAYRMPSPA
;
_entity_poly.pdbx_strand_id   A
#
# COMPACT_ATOMS: atom_id res chain seq x y z
N THR A 3 -23.73 -5.06 9.57
CA THR A 3 -23.15 -4.96 8.19
C THR A 3 -21.84 -5.62 7.75
N PRO A 4 -20.77 -5.71 8.59
CA PRO A 4 -19.56 -6.42 8.11
C PRO A 4 -19.74 -7.64 7.21
N ALA A 5 -19.00 -7.64 6.10
CA ALA A 5 -18.98 -8.93 5.39
C ALA A 5 -18.29 -10.14 6.06
N PHE A 6 -17.26 -9.83 6.90
CA PHE A 6 -16.49 -10.83 7.69
C PHE A 6 -16.06 -10.25 9.05
N ASP A 7 -16.84 -10.50 10.11
CA ASP A 7 -16.11 -10.22 11.35
C ASP A 7 -15.42 -11.32 12.06
N LYS A 8 -14.31 -11.61 11.43
CA LYS A 8 -13.26 -12.20 12.23
C LYS A 8 -12.10 -11.22 12.10
N PRO A 9 -11.01 -11.37 12.85
CA PRO A 9 -9.90 -10.50 12.47
C PRO A 9 -9.36 -10.72 11.07
N LYS A 10 -8.76 -9.63 10.57
CA LYS A 10 -8.11 -9.66 9.26
C LYS A 10 -6.71 -9.04 9.18
N VAL A 11 -6.00 -9.55 8.19
CA VAL A 11 -4.71 -8.99 7.85
C VAL A 11 -4.74 -8.29 6.48
N GLU A 12 -4.05 -7.17 6.47
CA GLU A 12 -3.93 -6.37 5.26
C GLU A 12 -2.47 -6.00 4.96
N LEU A 13 -2.09 -6.13 3.70
CA LEU A 13 -0.67 -5.99 3.41
C LEU A 13 -0.18 -4.86 2.49
N HIS A 14 -1.16 -4.09 1.96
CA HIS A 14 -0.88 -3.11 0.86
C HIS A 14 -1.67 -1.77 0.92
N VAL A 15 -1.38 -1.02 1.99
CA VAL A 15 -2.19 0.20 2.08
C VAL A 15 -1.29 1.42 1.99
N HIS A 16 -1.76 2.40 1.19
CA HIS A 16 -0.83 3.54 1.16
C HIS A 16 -1.12 4.58 2.22
N LEU A 17 -0.16 4.78 3.12
CA LEU A 17 -0.28 5.80 4.18
C LEU A 17 -0.82 7.20 3.75
N ASP A 18 -0.04 7.82 2.86
CA ASP A 18 -0.56 9.06 2.24
C ASP A 18 -1.83 9.04 1.35
N GLY A 19 -2.48 7.89 1.35
CA GLY A 19 -3.83 7.80 0.77
C GLY A 19 -4.87 7.23 1.77
N ALA A 20 -4.49 7.35 3.06
CA ALA A 20 -5.39 7.07 4.20
C ALA A 20 -5.19 8.07 5.35
N ILE A 21 -5.31 9.29 4.86
CA ILE A 21 -5.34 10.42 5.78
C ILE A 21 -6.81 10.81 6.03
N LYS A 22 -7.09 11.27 7.25
CA LYS A 22 -8.50 11.66 7.39
C LYS A 22 -8.84 13.08 6.99
N PRO A 23 -10.05 13.26 6.34
CA PRO A 23 -10.45 14.60 5.89
C PRO A 23 -10.39 15.72 6.94
N GLU A 24 -11.20 15.53 8.01
CA GLU A 24 -11.02 16.26 9.29
C GLU A 24 -9.59 16.75 9.66
N THR A 25 -8.65 15.77 9.68
CA THR A 25 -7.20 16.05 9.77
C THR A 25 -6.56 16.84 8.63
N ILE A 26 -6.91 16.54 7.36
CA ILE A 26 -6.27 17.42 6.33
C ILE A 26 -6.73 18.89 6.45
N LEU A 27 -8.07 19.09 6.55
CA LEU A 27 -8.32 20.53 6.81
C LEU A 27 -7.77 21.22 8.05
N TYR A 28 -7.76 20.43 9.15
CA TYR A 28 -6.98 20.92 10.31
C TYR A 28 -5.58 21.45 9.97
N TYR A 29 -4.86 20.67 9.13
CA TYR A 29 -3.52 21.16 8.79
C TYR A 29 -3.38 22.20 7.71
N GLY A 30 -4.21 22.05 6.68
CA GLY A 30 -4.20 23.08 5.63
C GLY A 30 -4.45 24.50 6.15
N LYS A 31 -5.52 24.59 6.96
CA LYS A 31 -5.58 25.86 7.70
C LYS A 31 -4.56 26.13 8.80
N ARG A 32 -4.29 25.18 9.70
CA ARG A 32 -3.28 25.69 10.65
C ARG A 32 -1.84 26.04 10.13
N ARG A 33 -1.59 25.59 8.87
CA ARG A 33 -0.40 26.04 8.08
C ARG A 33 -0.63 27.15 6.99
N GLY A 34 -1.90 27.57 6.73
CA GLY A 34 -2.13 28.58 5.66
C GLY A 34 -2.05 28.11 4.20
N ILE A 35 -1.95 26.78 4.02
CA ILE A 35 -1.94 26.13 2.69
C ILE A 35 -3.23 26.33 1.87
N ALA A 36 -4.23 26.93 2.51
CA ALA A 36 -5.45 26.12 2.57
C ALA A 36 -6.31 25.94 1.31
N LEU A 37 -7.26 25.02 1.51
CA LEU A 37 -7.49 24.12 0.38
C LEU A 37 -8.93 24.19 -0.29
N PRO A 38 -9.42 23.20 -1.11
CA PRO A 38 -10.64 23.47 -1.94
C PRO A 38 -12.03 23.55 -1.27
N ALA A 39 -12.04 23.83 0.04
CA ALA A 39 -13.19 23.48 0.88
C ALA A 39 -12.86 23.39 2.36
N ASP A 40 -13.95 23.35 3.13
CA ASP A 40 -13.77 23.54 4.57
C ASP A 40 -14.62 22.70 5.51
N THR A 41 -15.77 22.27 4.93
CA THR A 41 -16.48 21.16 5.60
C THR A 41 -16.04 19.75 5.15
N PRO A 42 -15.49 18.96 6.11
CA PRO A 42 -15.05 17.56 5.82
C PRO A 42 -15.74 16.72 4.71
N GLU A 43 -17.08 16.70 4.77
CA GLU A 43 -17.95 15.88 3.91
C GLU A 43 -18.07 16.28 2.43
N GLU A 44 -17.46 17.43 2.17
CA GLU A 44 -17.43 17.98 0.83
C GLU A 44 -16.00 17.99 0.25
N LEU A 45 -15.07 18.13 1.19
CA LEU A 45 -13.69 17.84 0.83
C LEU A 45 -13.38 16.38 0.49
N GLN A 46 -13.81 15.45 1.36
CA GLN A 46 -13.85 14.04 0.95
C GLN A 46 -14.45 13.75 -0.43
N ASN A 47 -15.49 14.53 -0.73
CA ASN A 47 -16.05 14.50 -2.08
C ASN A 47 -15.25 15.08 -3.25
N ILE A 48 -14.42 16.08 -2.96
CA ILE A 48 -13.62 16.41 -4.14
C ILE A 48 -12.29 15.64 -4.30
N ILE A 49 -11.79 15.09 -3.17
CA ILE A 49 -10.58 14.26 -3.31
C ILE A 49 -10.84 12.82 -3.79
N GLY A 50 -12.11 12.48 -3.81
CA GLY A 50 -12.45 11.07 -3.82
C GLY A 50 -13.04 10.65 -5.16
N MET A 51 -12.57 9.52 -5.65
CA MET A 51 -13.12 9.02 -6.89
C MET A 51 -14.42 8.22 -6.74
N ASP A 52 -15.29 8.34 -7.75
CA ASP A 52 -16.31 7.25 -7.83
C ASP A 52 -16.42 6.46 -9.15
N LYS A 53 -15.48 6.84 -10.01
CA LYS A 53 -15.61 6.61 -11.45
C LYS A 53 -14.19 6.67 -12.01
N PRO A 54 -13.81 5.74 -12.93
CA PRO A 54 -12.42 5.76 -13.38
C PRO A 54 -11.94 7.02 -14.03
N LEU A 55 -10.69 7.29 -13.67
CA LEU A 55 -10.11 8.50 -14.21
C LEU A 55 -8.82 8.32 -15.00
N THR A 56 -8.36 9.48 -15.47
CA THR A 56 -7.04 9.40 -16.10
C THR A 56 -5.87 9.52 -15.13
N LEU A 57 -4.65 9.23 -15.61
CA LEU A 57 -3.53 9.48 -14.71
C LEU A 57 -3.31 10.94 -14.19
N PRO A 58 -3.28 11.98 -15.03
CA PRO A 58 -3.31 13.36 -14.49
C PRO A 58 -4.46 13.71 -13.52
N ASP A 59 -5.74 13.47 -13.93
CA ASP A 59 -6.86 13.54 -12.95
C ASP A 59 -6.59 12.89 -11.58
N PHE A 60 -6.31 11.58 -11.62
CA PHE A 60 -5.88 10.82 -10.43
C PHE A 60 -4.77 11.46 -9.58
N LEU A 61 -3.67 11.73 -10.29
CA LEU A 61 -2.47 12.33 -9.70
C LEU A 61 -2.73 13.62 -8.92
N ALA A 62 -3.60 14.40 -9.58
CA ALA A 62 -4.12 15.65 -9.05
C ALA A 62 -4.85 15.70 -7.67
N LYS A 63 -5.59 14.61 -7.32
CA LYS A 63 -6.10 14.46 -5.93
C LYS A 63 -5.04 14.62 -4.85
N PHE A 64 -3.91 13.95 -5.16
CA PHE A 64 -2.68 14.08 -4.36
C PHE A 64 -2.14 15.51 -4.26
N ASP A 65 -2.24 16.19 -5.42
CA ASP A 65 -2.00 17.63 -5.44
C ASP A 65 -2.81 18.49 -4.49
N TYR A 66 -4.11 18.17 -4.31
CA TYR A 66 -4.81 19.03 -3.35
C TYR A 66 -4.37 18.81 -1.88
N TYR A 67 -4.58 17.58 -1.36
CA TYR A 67 -4.18 17.46 0.06
C TYR A 67 -2.70 17.38 0.49
N MET A 68 -1.86 16.76 -0.33
CA MET A 68 -0.48 16.60 0.16
C MET A 68 0.34 17.77 0.76
N PRO A 69 0.30 18.97 0.11
CA PRO A 69 0.96 20.15 0.68
C PRO A 69 0.57 20.54 2.10
N ALA A 70 -0.68 20.17 2.46
CA ALA A 70 -1.11 20.30 3.86
C ALA A 70 -0.47 19.40 4.93
N ILE A 71 0.20 18.32 4.46
CA ILE A 71 0.88 17.41 5.41
C ILE A 71 2.41 17.29 5.31
N ALA A 72 2.90 17.35 4.08
CA ALA A 72 4.36 17.24 3.96
C ALA A 72 5.07 18.45 4.60
N GLY A 73 6.34 18.29 4.99
CA GLY A 73 6.80 19.44 5.79
C GLY A 73 6.44 19.51 7.28
N CYS A 74 5.15 19.47 7.60
CA CYS A 74 4.89 19.47 9.05
C CYS A 74 5.18 18.19 9.84
N ARG A 75 6.25 18.18 10.66
CA ARG A 75 6.39 17.08 11.66
C ARG A 75 5.18 16.48 12.38
N ASP A 76 4.40 17.34 13.06
CA ASP A 76 3.24 16.66 13.60
C ASP A 76 2.04 16.37 12.70
N ALA A 77 2.14 16.87 11.46
CA ALA A 77 1.27 16.24 10.46
C ALA A 77 1.68 14.80 10.12
N ILE A 78 3.02 14.62 9.95
CA ILE A 78 3.54 13.25 9.75
C ILE A 78 3.19 12.29 10.89
N LYS A 79 3.59 12.77 12.11
CA LYS A 79 3.31 11.97 13.31
C LYS A 79 1.85 11.56 13.50
N ARG A 80 0.99 12.59 13.48
CA ARG A 80 -0.45 12.36 13.55
C ARG A 80 -1.00 11.48 12.40
N ILE A 81 -0.49 11.61 11.17
CA ILE A 81 -1.02 10.64 10.19
C ILE A 81 -0.69 9.16 10.38
N ALA A 82 0.58 8.88 10.77
CA ALA A 82 0.78 7.44 11.07
C ALA A 82 -0.02 6.89 12.26
N TYR A 83 0.04 7.67 13.35
CA TYR A 83 -0.86 7.39 14.48
C TYR A 83 -2.36 7.15 14.20
N GLU A 84 -2.93 8.16 13.54
CA GLU A 84 -4.32 8.03 13.10
C GLU A 84 -4.61 6.99 12.03
N PHE A 85 -3.54 6.63 11.31
CA PHE A 85 -3.75 5.47 10.45
C PHE A 85 -4.05 4.20 11.25
N VAL A 86 -3.23 3.97 12.30
CA VAL A 86 -3.40 2.71 13.03
C VAL A 86 -4.82 2.50 13.59
N GLU A 87 -5.27 3.57 14.21
CA GLU A 87 -6.66 3.67 14.64
C GLU A 87 -7.77 3.41 13.62
N MET A 88 -7.58 3.94 12.39
CA MET A 88 -8.55 3.51 11.36
C MET A 88 -8.55 2.01 11.07
N LYS A 89 -7.34 1.47 11.13
CA LYS A 89 -7.27 0.03 10.93
C LYS A 89 -7.75 -0.86 12.11
N ALA A 90 -7.54 -0.40 13.36
CA ALA A 90 -8.31 -0.91 14.51
C ALA A 90 -9.82 -0.92 14.39
N LYS A 91 -10.39 0.24 13.99
CA LYS A 91 -11.83 0.30 13.61
C LYS A 91 -12.37 -0.70 12.56
N ASP A 92 -11.40 -1.32 11.87
CA ASP A 92 -11.58 -2.05 10.64
C ASP A 92 -11.46 -3.58 10.68
N GLY A 93 -11.45 -4.11 11.90
CA GLY A 93 -11.18 -5.54 12.07
C GLY A 93 -9.74 -6.08 11.89
N VAL A 94 -8.82 -5.16 11.59
CA VAL A 94 -7.46 -5.66 11.31
C VAL A 94 -6.50 -6.02 12.47
N VAL A 95 -6.05 -7.29 12.54
CA VAL A 95 -5.03 -7.57 13.55
C VAL A 95 -3.57 -7.29 13.23
N TYR A 96 -3.32 -7.24 11.91
CA TYR A 96 -1.97 -6.96 11.44
C TYR A 96 -2.00 -6.15 10.13
N VAL A 97 -1.40 -4.95 10.20
CA VAL A 97 -1.29 -4.28 8.90
C VAL A 97 0.13 -3.93 8.48
N GLU A 98 0.38 -4.15 7.19
CA GLU A 98 1.51 -3.43 6.65
C GLU A 98 1.16 -2.20 5.84
N VAL A 99 1.95 -1.18 6.09
CA VAL A 99 1.63 0.06 5.40
C VAL A 99 2.80 0.73 4.68
N ARG A 100 2.50 1.27 3.50
CA ARG A 100 3.59 1.92 2.75
C ARG A 100 3.41 3.37 2.36
N TYR A 101 4.56 4.00 2.25
CA TYR A 101 4.63 5.35 1.72
C TYR A 101 5.99 5.61 1.05
N SER A 102 5.99 6.69 0.28
CA SER A 102 7.30 7.29 0.04
C SER A 102 7.71 8.40 1.03
N PRO A 103 8.75 8.15 1.89
CA PRO A 103 9.31 9.24 2.69
C PRO A 103 9.80 10.50 1.98
N HIS A 104 10.31 10.36 0.76
CA HIS A 104 10.52 11.59 -0.02
C HIS A 104 9.31 12.49 -0.30
N LEU A 105 8.19 11.81 -0.57
CA LEU A 105 6.98 12.56 -0.87
C LEU A 105 6.29 13.38 0.23
N LEU A 106 6.84 13.19 1.44
CA LEU A 106 6.47 13.95 2.64
C LEU A 106 7.57 14.88 3.16
N ALA A 107 8.70 14.80 2.45
CA ALA A 107 9.80 15.64 2.90
C ALA A 107 9.75 17.04 2.29
N ASN A 108 10.52 17.94 2.89
CA ASN A 108 10.85 19.14 2.11
C ASN A 108 12.32 19.61 2.09
N SER A 109 13.16 18.83 2.78
CA SER A 109 14.62 19.05 2.71
C SER A 109 15.37 17.82 2.23
N LYS A 110 16.44 18.07 1.45
CA LYS A 110 17.17 16.95 0.83
C LYS A 110 16.37 15.99 -0.03
N VAL A 111 15.82 16.62 -1.05
CA VAL A 111 14.95 15.93 -1.98
C VAL A 111 14.82 16.71 -3.29
N GLU A 112 15.70 16.35 -4.21
CA GLU A 112 15.44 16.86 -5.56
C GLU A 112 14.64 15.91 -6.47
N PRO A 113 13.59 16.45 -7.11
CA PRO A 113 13.06 17.79 -6.83
C PRO A 113 12.14 17.86 -5.62
N ILE A 114 11.99 19.07 -5.08
CA ILE A 114 10.97 19.19 -4.01
C ILE A 114 9.51 18.95 -4.47
N PRO A 115 8.88 17.95 -3.81
CA PRO A 115 7.52 17.64 -4.24
C PRO A 115 6.43 18.61 -3.83
N TRP A 116 5.35 18.50 -4.59
CA TRP A 116 4.16 19.37 -4.45
C TRP A 116 4.32 20.87 -4.40
N ASN A 117 5.33 21.43 -5.10
CA ASN A 117 5.54 22.89 -5.10
C ASN A 117 6.03 23.59 -3.85
N GLN A 118 6.08 22.83 -2.75
CA GLN A 118 6.72 23.42 -1.56
C GLN A 118 8.11 23.96 -1.87
N ALA A 119 8.37 25.17 -1.40
CA ALA A 119 9.79 25.46 -1.34
C ALA A 119 10.36 25.05 0.02
N GLU A 120 11.56 25.52 0.40
CA GLU A 120 12.18 24.61 1.38
C GLU A 120 11.93 24.75 2.87
N GLY A 121 11.79 23.55 3.47
CA GLY A 121 12.09 23.49 4.91
C GLY A 121 13.33 22.73 5.37
N ASP A 122 13.24 22.29 6.63
CA ASP A 122 14.25 21.36 7.15
C ASP A 122 13.87 19.87 7.32
N LEU A 123 12.68 19.52 6.81
CA LEU A 123 12.23 18.12 6.99
C LEU A 123 12.73 17.13 5.92
N THR A 124 13.71 16.32 6.31
CA THR A 124 14.28 15.37 5.32
C THR A 124 13.51 14.06 5.14
N PRO A 125 13.86 13.22 4.12
CA PRO A 125 13.37 11.83 4.16
C PRO A 125 13.72 11.08 5.44
N ASP A 126 14.93 11.35 5.95
CA ASP A 126 15.28 10.55 7.13
C ASP A 126 14.38 10.69 8.38
N GLU A 127 14.12 11.96 8.79
CA GLU A 127 13.17 11.95 9.90
C GLU A 127 11.68 11.79 9.57
N VAL A 128 11.32 11.82 8.26
CA VAL A 128 9.95 11.39 7.96
C VAL A 128 9.57 9.96 8.35
N VAL A 129 10.41 9.02 7.89
CA VAL A 129 10.48 7.73 8.60
C VAL A 129 10.91 8.05 10.04
N SER A 130 10.48 7.33 11.10
CA SER A 130 10.74 7.84 12.49
C SER A 130 9.80 8.88 13.09
N LEU A 131 9.41 9.85 12.26
CA LEU A 131 8.12 10.46 12.58
C LEU A 131 6.97 9.50 12.35
N VAL A 132 6.79 9.12 11.07
CA VAL A 132 5.89 7.99 10.78
C VAL A 132 5.99 6.80 11.71
N ASN A 133 7.22 6.33 11.87
CA ASN A 133 7.18 5.19 12.77
C ASN A 133 6.98 5.39 14.30
N GLN A 134 7.39 6.56 14.81
CA GLN A 134 6.83 6.95 16.14
C GLN A 134 5.29 6.94 16.25
N GLY A 135 4.67 7.66 15.31
CA GLY A 135 3.21 7.58 15.17
C GLY A 135 2.62 6.15 15.10
N LEU A 136 3.25 5.31 14.25
CA LEU A 136 2.79 3.92 14.21
C LEU A 136 2.99 3.10 15.50
N GLN A 137 4.06 3.39 16.25
CA GLN A 137 4.27 2.67 17.52
C GLN A 137 3.36 3.00 18.68
N GLU A 138 3.19 4.31 18.94
CA GLU A 138 2.10 4.60 19.90
C GLU A 138 0.70 4.47 19.36
N GLY A 139 0.58 4.40 18.02
CA GLY A 139 -0.68 3.94 17.47
C GLY A 139 -0.97 2.45 17.74
N GLU A 140 0.03 1.62 17.45
CA GLU A 140 -0.02 0.20 17.83
C GLU A 140 -0.33 -0.09 19.29
N ARG A 141 0.46 0.61 20.10
CA ARG A 141 0.30 0.45 21.54
C ARG A 141 -1.05 0.92 22.11
N ASP A 142 -1.44 2.13 21.70
CA ASP A 142 -2.80 2.52 22.08
C ASP A 142 -3.97 1.73 21.46
N PHE A 143 -3.75 1.17 20.26
CA PHE A 143 -4.91 0.49 19.62
C PHE A 143 -4.94 -1.03 19.47
N GLY A 144 -3.85 -1.63 19.89
CA GLY A 144 -3.82 -3.10 19.77
C GLY A 144 -3.89 -3.76 18.36
N VAL A 145 -3.30 -3.02 17.39
CA VAL A 145 -3.06 -3.52 16.03
C VAL A 145 -1.56 -3.67 15.69
N LYS A 146 -1.14 -4.89 15.35
CA LYS A 146 0.28 -4.98 14.97
C LYS A 146 0.63 -4.43 13.57
N VAL A 147 1.33 -3.28 13.63
CA VAL A 147 1.74 -2.54 12.41
C VAL A 147 3.22 -2.63 12.00
N ARG A 148 3.42 -2.90 10.70
CA ARG A 148 4.74 -2.67 10.14
C ARG A 148 4.75 -1.79 8.89
N SER A 149 5.94 -1.38 8.47
CA SER A 149 5.93 -0.53 7.27
C SER A 149 6.89 -0.85 6.14
N ILE A 150 6.35 -0.56 4.96
CA ILE A 150 7.12 -0.71 3.72
C ILE A 150 7.47 0.68 3.16
N LEU A 151 8.76 0.85 2.75
CA LEU A 151 9.02 2.11 2.02
C LEU A 151 9.01 1.97 0.49
N CYS A 152 8.39 2.95 -0.14
CA CYS A 152 8.30 2.87 -1.61
C CYS A 152 9.23 3.77 -2.43
N CYS A 153 10.09 3.07 -3.19
CA CYS A 153 10.63 3.70 -4.40
C CYS A 153 9.59 4.17 -5.39
N MET A 154 9.96 5.25 -6.04
CA MET A 154 9.04 5.76 -7.06
C MET A 154 9.56 5.53 -8.48
N ARG A 155 8.72 4.92 -9.34
CA ARG A 155 9.09 4.60 -10.74
C ARG A 155 9.78 5.67 -11.56
N HIS A 156 9.24 6.88 -11.40
CA HIS A 156 9.83 7.98 -12.16
C HIS A 156 11.13 8.60 -11.57
N GLN A 157 11.56 8.05 -10.43
CA GLN A 157 12.65 8.70 -9.70
C GLN A 157 13.69 7.78 -9.12
N PRO A 158 14.49 7.16 -10.02
CA PRO A 158 15.48 6.17 -9.58
C PRO A 158 16.56 6.70 -8.64
N SER A 159 16.83 7.99 -8.80
CA SER A 159 17.73 8.65 -7.84
C SER A 159 17.49 8.41 -6.34
N TRP A 160 16.20 8.45 -6.01
CA TRP A 160 15.76 8.22 -4.64
C TRP A 160 15.95 6.79 -4.08
N SER A 161 16.23 5.86 -5.00
CA SER A 161 16.17 4.43 -4.64
C SER A 161 17.25 3.87 -3.76
N SER A 162 18.50 4.24 -4.06
CA SER A 162 19.51 3.92 -3.05
C SER A 162 19.19 4.55 -1.67
N GLU A 163 18.72 5.80 -1.60
CA GLU A 163 18.28 6.10 -0.23
C GLU A 163 17.08 5.41 0.43
N VAL A 164 16.21 4.81 -0.39
CA VAL A 164 15.24 3.84 0.16
C VAL A 164 15.74 2.54 0.82
N VAL A 165 16.48 1.70 0.04
CA VAL A 165 17.14 0.49 0.60
C VAL A 165 17.92 0.72 1.91
N GLU A 166 18.41 1.97 1.94
CA GLU A 166 19.29 2.43 3.01
C GLU A 166 18.56 2.82 4.29
N LEU A 167 17.48 3.57 4.07
CA LEU A 167 16.45 3.73 5.11
C LEU A 167 15.83 2.45 5.65
N CYS A 168 15.62 1.51 4.73
CA CYS A 168 15.12 0.20 5.19
C CYS A 168 15.97 -0.61 6.09
N LYS A 169 17.23 -0.69 5.63
CA LYS A 169 18.29 -1.15 6.53
C LYS A 169 18.46 -0.45 7.87
N LYS A 170 18.36 0.90 7.80
CA LYS A 170 18.54 1.64 9.06
C LYS A 170 17.42 1.45 10.10
N TYR A 171 16.22 1.83 9.66
CA TYR A 171 15.03 1.62 10.49
C TYR A 171 14.35 0.26 10.46
N ARG A 172 15.21 -0.73 10.18
CA ARG A 172 14.74 -2.11 10.12
C ARG A 172 13.91 -2.46 11.36
N GLU A 173 13.17 -3.57 11.40
CA GLU A 173 12.39 -3.88 12.63
C GLU A 173 11.40 -2.85 13.25
N GLN A 174 11.98 -1.79 13.83
CA GLN A 174 11.51 -0.45 14.25
C GLN A 174 11.18 0.60 13.15
N THR A 175 10.06 0.51 12.44
CA THR A 175 9.10 -0.54 12.15
C THR A 175 9.14 -0.99 10.68
N VAL A 176 10.25 -0.72 9.99
CA VAL A 176 10.20 -1.09 8.56
C VAL A 176 10.70 -2.48 8.15
N VAL A 177 9.87 -3.19 7.37
CA VAL A 177 10.38 -4.53 7.02
C VAL A 177 10.57 -4.89 5.52
N ALA A 178 10.12 -3.94 4.64
CA ALA A 178 10.28 -4.15 3.18
C ALA A 178 10.45 -2.96 2.23
N ILE A 179 10.85 -3.30 0.99
CA ILE A 179 10.85 -2.35 -0.13
C ILE A 179 9.74 -2.48 -1.17
N ASP A 180 9.31 -1.31 -1.61
CA ASP A 180 8.43 -1.29 -2.74
C ASP A 180 8.87 -0.41 -3.94
N LEU A 181 8.21 -0.76 -5.04
CA LEU A 181 8.20 0.03 -6.26
C LEU A 181 6.79 0.48 -6.63
N ALA A 182 6.59 1.79 -6.53
CA ALA A 182 5.29 2.39 -6.82
C ALA A 182 5.34 3.53 -7.83
N GLY A 183 4.16 3.81 -8.40
CA GLY A 183 4.01 5.08 -9.12
C GLY A 183 3.36 4.30 -10.26
N ASP A 184 3.59 4.84 -11.49
CA ASP A 184 3.00 4.30 -12.72
C ASP A 184 3.99 3.31 -13.34
N GLU A 185 3.58 2.04 -13.31
CA GLU A 185 4.37 0.99 -14.01
C GLU A 185 4.54 0.99 -15.55
N THR A 186 4.18 2.13 -16.15
CA THR A 186 3.92 2.32 -17.59
C THR A 186 4.99 3.15 -18.31
N ILE A 187 5.70 3.89 -17.45
CA ILE A 187 6.95 4.46 -17.91
C ILE A 187 7.99 3.43 -18.41
N GLU A 188 8.10 3.39 -19.75
CA GLU A 188 8.93 2.42 -20.46
C GLU A 188 10.30 2.05 -19.88
N GLY A 189 10.52 0.75 -19.74
CA GLY A 189 11.83 0.36 -19.16
C GLY A 189 12.08 0.61 -17.66
N SER A 190 10.99 1.00 -16.97
CA SER A 190 11.15 1.42 -15.57
C SER A 190 11.60 0.40 -14.52
N SER A 191 11.16 -0.87 -14.66
CA SER A 191 11.73 -1.87 -13.73
C SER A 191 13.24 -2.14 -13.82
N LEU A 192 13.76 -1.75 -15.00
CA LEU A 192 15.13 -1.97 -15.44
C LEU A 192 16.07 -0.76 -15.31
N PHE A 193 15.48 0.37 -14.92
CA PHE A 193 16.35 1.47 -14.51
C PHE A 193 17.42 1.15 -13.46
N PRO A 194 18.69 1.41 -13.82
CA PRO A 194 19.78 0.95 -12.93
C PRO A 194 19.72 1.29 -11.44
N GLY A 195 19.05 2.42 -11.12
CA GLY A 195 18.88 2.74 -9.70
C GLY A 195 17.93 1.84 -8.93
N HIS A 196 16.74 1.67 -9.49
CA HIS A 196 15.85 0.59 -9.05
C HIS A 196 16.46 -0.81 -8.95
N VAL A 197 17.12 -1.23 -10.05
CA VAL A 197 17.77 -2.53 -9.83
C VAL A 197 18.92 -2.64 -8.82
N GLN A 198 19.85 -1.67 -8.79
CA GLN A 198 20.81 -1.77 -7.67
C GLN A 198 20.21 -1.66 -6.25
N ALA A 199 19.16 -0.83 -6.16
CA ALA A 199 18.29 -0.88 -4.98
C ALA A 199 17.74 -2.26 -4.53
N TYR A 200 17.03 -2.91 -5.44
CA TYR A 200 16.61 -4.29 -5.12
C TYR A 200 17.74 -5.30 -4.87
N ALA A 201 18.86 -5.08 -5.57
CA ALA A 201 19.99 -5.94 -5.24
C ALA A 201 20.61 -5.77 -3.83
N GLU A 202 20.81 -4.48 -3.41
CA GLU A 202 21.16 -4.23 -2.00
C GLU A 202 20.17 -4.81 -0.99
N ALA A 203 18.91 -4.72 -1.40
CA ALA A 203 17.85 -5.43 -0.69
C ALA A 203 18.00 -6.96 -0.54
N VAL A 204 18.33 -7.71 -1.63
CA VAL A 204 18.74 -9.09 -1.26
C VAL A 204 20.08 -9.31 -0.53
N LYS A 205 21.03 -8.37 -0.69
CA LYS A 205 22.35 -8.39 -0.02
C LYS A 205 22.29 -8.25 1.54
N SER A 206 21.36 -7.39 1.91
CA SER A 206 21.12 -7.10 3.33
C SER A 206 19.82 -7.58 3.95
N GLY A 207 19.05 -8.38 3.19
CA GLY A 207 17.93 -9.07 3.85
C GLY A 207 16.62 -8.26 4.01
N VAL A 208 16.52 -7.26 3.13
CA VAL A 208 15.26 -6.54 3.25
C VAL A 208 14.13 -7.12 2.41
N HIS A 209 12.95 -7.21 3.03
CA HIS A 209 11.89 -7.81 2.21
C HIS A 209 11.49 -7.01 0.98
N ARG A 210 10.95 -7.73 0.00
CA ARG A 210 10.57 -7.04 -1.23
C ARG A 210 9.17 -7.25 -1.75
N THR A 211 8.57 -6.16 -2.17
CA THR A 211 7.30 -6.19 -2.90
C THR A 211 7.24 -5.15 -4.03
N VAL A 212 6.74 -5.59 -5.19
CA VAL A 212 6.74 -4.62 -6.31
C VAL A 212 5.34 -4.41 -6.84
N HIS A 213 4.97 -3.15 -7.10
CA HIS A 213 3.76 -3.00 -7.90
C HIS A 213 3.86 -3.40 -9.37
N ALA A 214 3.14 -4.46 -9.73
CA ALA A 214 3.30 -4.90 -11.11
C ALA A 214 2.02 -5.57 -11.65
N GLY A 215 1.80 -5.47 -12.97
CA GLY A 215 0.53 -6.01 -13.51
C GLY A 215 -0.84 -5.37 -13.16
N GLU A 216 -0.81 -4.18 -12.53
CA GLU A 216 -2.10 -3.44 -12.42
C GLU A 216 -2.62 -2.86 -13.76
N VAL A 217 -1.75 -2.06 -14.39
CA VAL A 217 -2.09 -1.39 -15.65
C VAL A 217 -1.12 -1.73 -16.81
N GLY A 218 0.10 -2.10 -16.35
CA GLY A 218 1.10 -2.61 -17.28
C GLY A 218 1.02 -4.10 -17.60
N SER A 219 1.89 -4.52 -18.53
CA SER A 219 1.84 -5.91 -19.03
C SER A 219 2.35 -7.06 -18.16
N ALA A 220 2.17 -8.28 -18.67
CA ALA A 220 2.91 -9.40 -18.08
C ALA A 220 4.46 -9.31 -17.97
N ASN A 221 5.05 -8.44 -18.81
CA ASN A 221 6.51 -8.18 -18.77
C ASN A 221 6.99 -7.29 -17.62
N VAL A 222 6.16 -6.33 -17.20
CA VAL A 222 6.48 -5.73 -15.90
C VAL A 222 6.41 -6.71 -14.72
N VAL A 223 5.51 -7.70 -14.84
CA VAL A 223 5.53 -8.77 -13.82
C VAL A 223 6.78 -9.63 -13.81
N LYS A 224 7.00 -10.18 -14.97
CA LYS A 224 8.26 -10.82 -15.30
C LYS A 224 9.58 -10.14 -14.90
N GLU A 225 9.68 -8.85 -15.26
CA GLU A 225 10.69 -7.93 -14.72
C GLU A 225 10.90 -7.90 -13.18
N ALA A 226 9.73 -8.00 -12.54
CA ALA A 226 9.69 -7.92 -11.08
C ALA A 226 10.10 -9.19 -10.30
N VAL A 227 9.72 -10.33 -10.89
CA VAL A 227 10.20 -11.66 -10.46
C VAL A 227 11.64 -12.05 -10.83
N ASP A 228 11.93 -12.03 -12.14
CA ASP A 228 13.27 -12.48 -12.55
C ASP A 228 14.41 -11.49 -12.39
N THR A 229 14.03 -10.25 -12.22
CA THR A 229 15.08 -9.22 -12.11
C THR A 229 15.15 -8.49 -10.78
N LEU A 230 13.99 -7.95 -10.43
CA LEU A 230 13.97 -7.33 -9.10
C LEU A 230 13.76 -8.30 -7.93
N LYS A 231 13.56 -9.59 -8.26
CA LYS A 231 13.45 -10.67 -7.27
C LYS A 231 12.40 -10.47 -6.17
N THR A 232 11.25 -9.88 -6.57
CA THR A 232 10.19 -9.79 -5.57
C THR A 232 9.71 -11.01 -4.80
N GLU A 233 9.37 -10.70 -3.55
CA GLU A 233 8.73 -11.77 -2.79
C GLU A 233 7.19 -11.84 -2.89
N ARG A 234 6.65 -10.66 -3.23
CA ARG A 234 5.22 -10.56 -3.50
C ARG A 234 4.90 -9.52 -4.56
N LEU A 235 3.61 -9.40 -4.86
CA LEU A 235 3.18 -8.66 -6.05
C LEU A 235 2.04 -7.69 -5.83
N GLY A 236 2.27 -6.39 -5.94
CA GLY A 236 1.08 -5.55 -5.89
C GLY A 236 0.17 -5.68 -7.12
N HIS A 237 -1.09 -6.10 -6.86
CA HIS A 237 -2.05 -6.43 -7.92
C HIS A 237 -1.68 -7.64 -8.78
N GLY A 238 -0.79 -7.42 -9.75
CA GLY A 238 -0.51 -8.56 -10.65
C GLY A 238 -1.63 -9.04 -11.55
N TYR A 239 -2.63 -8.17 -11.74
CA TYR A 239 -3.75 -8.61 -12.60
C TYR A 239 -3.36 -9.11 -14.00
N HIS A 240 -2.34 -8.42 -14.51
CA HIS A 240 -1.84 -8.75 -15.85
C HIS A 240 -0.89 -9.93 -16.00
N THR A 241 -0.58 -10.60 -14.88
CA THR A 241 0.11 -11.88 -15.15
C THR A 241 -0.75 -12.97 -15.81
N LEU A 242 -2.07 -12.83 -15.57
CA LEU A 242 -3.13 -13.61 -16.23
C LEU A 242 -3.15 -13.62 -17.76
N GLU A 243 -2.53 -12.57 -18.34
CA GLU A 243 -2.34 -12.58 -19.80
C GLU A 243 -1.16 -13.39 -20.38
N ASP A 244 -0.44 -14.01 -19.46
CA ASP A 244 0.67 -14.89 -19.84
C ASP A 244 0.56 -16.23 -19.09
N THR A 245 0.05 -17.28 -19.76
CA THR A 245 -0.26 -18.46 -18.91
C THR A 245 0.80 -19.40 -18.40
N THR A 246 1.96 -19.37 -19.06
CA THR A 246 3.15 -19.96 -18.39
C THR A 246 3.68 -19.15 -17.20
N LEU A 247 3.70 -17.81 -17.37
CA LEU A 247 4.03 -16.96 -16.21
C LEU A 247 3.06 -17.04 -15.02
N TYR A 248 1.76 -16.89 -15.33
CA TYR A 248 0.75 -17.35 -14.38
C TYR A 248 0.90 -18.75 -13.76
N ASN A 249 0.98 -19.78 -14.60
CA ASN A 249 1.21 -21.13 -14.10
C ASN A 249 2.47 -21.39 -13.23
N ARG A 250 3.58 -20.80 -13.66
CA ARG A 250 4.78 -20.82 -12.83
C ARG A 250 4.64 -20.03 -11.50
N LEU A 251 3.97 -18.86 -11.59
CA LEU A 251 3.70 -18.17 -10.32
C LEU A 251 2.76 -18.93 -9.35
N ARG A 252 1.71 -19.62 -9.88
CA ARG A 252 0.98 -20.57 -8.99
C ARG A 252 1.82 -21.65 -8.36
N GLN A 253 2.67 -22.23 -9.18
CA GLN A 253 3.58 -23.28 -8.74
C GLN A 253 4.58 -22.88 -7.64
N GLU A 254 5.04 -21.62 -7.71
CA GLU A 254 5.91 -21.25 -6.58
C GLU A 254 5.29 -20.39 -5.49
N ASN A 255 3.95 -20.46 -5.33
CA ASN A 255 3.23 -19.48 -4.46
C ASN A 255 3.68 -18.04 -4.46
N MET A 256 3.50 -17.40 -5.63
CA MET A 256 3.31 -15.96 -5.47
C MET A 256 2.17 -15.60 -4.56
N HIS A 257 2.59 -14.75 -3.63
CA HIS A 257 1.62 -13.86 -3.03
C HIS A 257 1.16 -12.63 -3.86
N PHE A 258 -0.14 -12.63 -4.22
CA PHE A 258 -0.72 -11.46 -4.92
C PHE A 258 -1.56 -10.50 -4.10
N GLU A 259 -1.15 -9.23 -4.27
CA GLU A 259 -1.72 -8.07 -3.54
C GLU A 259 -3.00 -7.44 -4.05
N ILE A 260 -4.10 -8.17 -3.76
CA ILE A 260 -5.30 -7.78 -4.50
C ILE A 260 -6.07 -6.62 -3.93
N CYS A 261 -6.51 -5.77 -4.83
CA CYS A 261 -7.35 -4.67 -4.34
C CYS A 261 -8.60 -4.40 -5.18
N PRO A 262 -9.70 -5.11 -4.84
CA PRO A 262 -10.73 -5.21 -5.87
C PRO A 262 -11.60 -3.93 -6.04
N TRP A 263 -12.03 -3.31 -4.91
CA TRP A 263 -12.66 -1.98 -5.02
C TRP A 263 -11.86 -0.90 -5.76
N SER A 264 -10.64 -0.68 -5.23
CA SER A 264 -9.58 0.05 -5.98
C SER A 264 -9.48 -0.18 -7.50
N SER A 265 -9.70 -1.45 -7.89
CA SER A 265 -9.52 -1.65 -9.32
C SER A 265 -10.66 -1.38 -10.32
N TYR A 266 -11.93 -1.38 -9.83
CA TYR A 266 -12.96 -0.70 -10.67
C TYR A 266 -12.56 0.77 -10.78
N LEU A 267 -12.45 1.41 -9.61
CA LEU A 267 -12.23 2.87 -9.70
C LEU A 267 -11.00 3.39 -10.50
N THR A 268 -9.91 2.61 -10.42
CA THR A 268 -8.85 2.95 -11.40
C THR A 268 -9.06 2.74 -12.90
N GLY A 269 -9.74 1.64 -13.29
CA GLY A 269 -9.70 1.31 -14.72
C GLY A 269 -9.07 -0.03 -15.08
N ALA A 270 -8.14 -0.43 -14.18
CA ALA A 270 -7.51 -1.76 -14.26
C ALA A 270 -8.47 -2.93 -14.40
N TRP A 271 -9.64 -2.67 -13.79
CA TRP A 271 -10.74 -3.57 -14.15
C TRP A 271 -11.91 -2.98 -14.95
N LYS A 272 -12.03 -3.54 -16.17
CA LYS A 272 -13.29 -3.36 -16.93
C LYS A 272 -14.39 -4.27 -16.39
N PRO A 273 -15.55 -3.67 -15.97
CA PRO A 273 -16.57 -4.48 -15.28
C PRO A 273 -17.15 -5.66 -16.06
N ASP A 274 -17.04 -5.56 -17.38
CA ASP A 274 -17.47 -6.70 -18.21
C ASP A 274 -16.44 -7.81 -18.47
N THR A 275 -15.45 -7.87 -17.57
CA THR A 275 -14.55 -9.01 -17.65
C THR A 275 -14.59 -9.78 -16.34
N GLU A 276 -14.09 -11.02 -16.39
CA GLU A 276 -13.66 -11.65 -15.14
C GLU A 276 -12.95 -10.64 -14.22
N HIS A 277 -13.45 -10.53 -12.99
CA HIS A 277 -12.46 -9.88 -12.15
C HIS A 277 -11.23 -10.79 -11.86
N ALA A 278 -9.99 -10.26 -12.08
CA ALA A 278 -8.88 -11.20 -11.77
C ALA A 278 -8.92 -12.02 -10.43
N VAL A 279 -9.27 -11.33 -9.30
CA VAL A 279 -9.65 -12.07 -8.06
C VAL A 279 -10.50 -13.35 -8.15
N ILE A 280 -11.49 -13.40 -9.07
CA ILE A 280 -12.30 -14.66 -9.08
C ILE A 280 -11.63 -15.95 -9.60
N ARG A 281 -11.02 -15.83 -10.81
CA ARG A 281 -9.93 -16.74 -11.23
C ARG A 281 -8.91 -17.07 -10.14
N PHE A 282 -8.66 -16.01 -9.37
CA PHE A 282 -8.02 -16.27 -8.12
C PHE A 282 -8.76 -17.08 -6.99
N LYS A 283 -10.03 -16.80 -6.64
CA LYS A 283 -10.54 -17.95 -5.85
C LYS A 283 -10.65 -19.33 -6.55
N ASN A 284 -11.23 -19.40 -7.77
CA ASN A 284 -11.14 -20.71 -8.47
C ASN A 284 -9.78 -21.47 -8.56
N ASP A 285 -8.70 -20.76 -8.84
CA ASP A 285 -7.46 -21.56 -8.94
C ASP A 285 -6.69 -21.77 -7.64
N GLN A 286 -7.30 -21.44 -6.49
CA GLN A 286 -6.63 -21.57 -5.20
C GLN A 286 -5.21 -21.08 -4.97
N VAL A 287 -5.00 -19.86 -5.46
CA VAL A 287 -3.69 -19.24 -5.21
C VAL A 287 -3.55 -18.35 -3.96
N ASN A 288 -2.31 -17.90 -3.79
CA ASN A 288 -1.94 -17.20 -2.56
C ASN A 288 -2.16 -15.70 -2.61
N TYR A 289 -3.32 -15.32 -2.09
CA TYR A 289 -3.66 -13.92 -2.24
C TYR A 289 -4.44 -13.18 -1.14
N SER A 290 -4.22 -11.85 -1.10
CA SER A 290 -4.98 -11.09 -0.08
C SER A 290 -5.95 -10.06 -0.57
N LEU A 291 -6.76 -9.62 0.38
CA LEU A 291 -7.64 -8.50 0.11
C LEU A 291 -7.20 -7.25 0.81
N ASN A 292 -7.45 -6.16 0.08
CA ASN A 292 -6.62 -5.03 0.36
C ASN A 292 -7.29 -3.73 -0.05
N THR A 293 -7.03 -2.67 0.72
CA THR A 293 -7.89 -1.50 0.51
C THR A 293 -7.30 -0.47 -0.45
N ASP A 294 -5.97 -0.42 -0.36
CA ASP A 294 -5.08 0.40 -1.20
C ASP A 294 -5.06 1.93 -0.92
N ASP A 295 -6.22 2.56 -1.15
CA ASP A 295 -6.38 3.98 -0.77
C ASP A 295 -7.78 4.36 -0.23
N PRO A 296 -7.97 4.25 1.11
CA PRO A 296 -9.28 4.64 1.67
C PRO A 296 -9.74 6.07 1.36
N LEU A 297 -8.77 7.00 1.50
CA LEU A 297 -9.11 8.43 1.32
C LEU A 297 -9.65 8.81 -0.08
N ILE A 298 -8.90 8.31 -1.07
CA ILE A 298 -9.31 8.49 -2.47
C ILE A 298 -10.38 7.54 -3.00
N PHE A 299 -10.33 6.27 -2.60
CA PHE A 299 -11.45 5.48 -3.15
C PHE A 299 -12.78 5.50 -2.33
N LYS A 300 -12.84 6.43 -1.35
CA LYS A 300 -14.04 6.56 -0.49
C LYS A 300 -14.50 5.25 0.22
N SER A 301 -13.47 4.55 0.73
CA SER A 301 -13.69 3.17 1.18
C SER A 301 -13.11 2.75 2.51
N THR A 302 -13.53 1.57 2.97
CA THR A 302 -12.70 0.82 3.95
C THR A 302 -12.51 -0.67 3.62
N LEU A 303 -11.89 -1.51 4.47
CA LEU A 303 -11.84 -2.94 4.04
C LEU A 303 -13.16 -3.64 3.79
N ASP A 304 -14.12 -3.24 4.60
CA ASP A 304 -15.47 -3.70 4.32
C ASP A 304 -16.06 -3.41 2.96
N THR A 305 -15.70 -2.26 2.42
CA THR A 305 -16.08 -2.11 1.00
C THR A 305 -15.53 -3.15 0.02
N ASP A 306 -14.28 -3.57 0.33
CA ASP A 306 -13.64 -4.66 -0.46
C ASP A 306 -14.22 -6.08 -0.26
N TYR A 307 -14.51 -6.38 1.02
CA TYR A 307 -15.13 -7.65 1.43
C TYR A 307 -16.63 -7.75 1.13
N GLN A 308 -17.36 -6.62 1.28
CA GLN A 308 -18.71 -6.46 0.68
C GLN A 308 -18.74 -6.72 -0.81
N MET A 309 -17.91 -5.95 -1.50
CA MET A 309 -17.89 -6.08 -2.96
C MET A 309 -17.60 -7.46 -3.52
N THR A 310 -16.56 -8.05 -2.93
CA THR A 310 -16.38 -9.46 -3.27
C THR A 310 -17.52 -10.38 -2.84
N LYS A 311 -18.04 -10.11 -1.61
CA LYS A 311 -19.13 -10.91 -1.04
C LYS A 311 -20.34 -11.08 -1.94
N LYS A 312 -20.89 -9.92 -2.25
CA LYS A 312 -22.07 -10.05 -3.11
C LYS A 312 -21.92 -9.91 -4.61
N ASP A 313 -20.78 -9.35 -5.04
CA ASP A 313 -20.74 -9.49 -6.50
C ASP A 313 -20.08 -10.74 -7.05
N MET A 314 -19.26 -11.32 -6.17
CA MET A 314 -18.46 -12.39 -6.78
C MET A 314 -18.59 -13.77 -6.14
N GLY A 315 -19.70 -13.95 -5.41
CA GLY A 315 -19.94 -15.23 -4.73
C GLY A 315 -18.99 -15.71 -3.61
N PHE A 316 -18.07 -14.84 -3.17
CA PHE A 316 -17.28 -15.48 -2.12
C PHE A 316 -17.90 -15.65 -0.76
N THR A 317 -17.37 -16.68 -0.14
CA THR A 317 -17.85 -17.14 1.14
C THR A 317 -16.87 -16.95 2.30
N GLU A 318 -17.43 -17.10 3.51
CA GLU A 318 -16.55 -17.05 4.68
C GLU A 318 -15.36 -18.04 4.78
N GLU A 319 -15.50 -19.21 4.13
CA GLU A 319 -14.34 -20.13 4.10
C GLU A 319 -13.15 -19.72 3.20
N GLU A 320 -13.48 -19.07 2.07
CA GLU A 320 -12.40 -18.36 1.37
C GLU A 320 -11.89 -17.06 2.05
N PHE A 321 -12.83 -16.33 2.69
CA PHE A 321 -12.33 -15.20 3.49
C PHE A 321 -11.32 -15.43 4.62
N LYS A 322 -11.44 -16.62 5.19
CA LYS A 322 -10.43 -17.05 6.17
C LYS A 322 -9.11 -17.43 5.56
N ARG A 323 -9.29 -18.32 4.58
CA ARG A 323 -8.11 -18.84 3.88
C ARG A 323 -7.19 -17.76 3.27
N LEU A 324 -7.89 -16.74 2.71
CA LEU A 324 -7.15 -15.54 2.30
C LEU A 324 -6.43 -14.72 3.37
N ASN A 325 -7.04 -14.58 4.54
CA ASN A 325 -6.36 -13.95 5.68
C ASN A 325 -5.15 -14.64 6.30
N ILE A 326 -5.27 -15.96 6.37
CA ILE A 326 -4.17 -16.85 6.74
C ILE A 326 -2.98 -16.91 5.78
N ASN A 327 -3.39 -17.08 4.51
CA ASN A 327 -2.48 -16.85 3.38
C ASN A 327 -1.69 -15.55 3.51
N ALA A 328 -2.47 -14.48 3.81
CA ALA A 328 -1.88 -13.17 4.10
C ALA A 328 -0.85 -13.15 5.22
N ALA A 329 -1.25 -13.77 6.33
CA ALA A 329 -0.37 -13.90 7.49
C ALA A 329 0.93 -14.67 7.26
N LYS A 330 0.79 -15.82 6.59
CA LYS A 330 1.95 -16.57 6.04
C LYS A 330 2.88 -15.81 5.11
N SER A 331 2.20 -15.04 4.28
CA SER A 331 3.03 -14.26 3.34
C SER A 331 3.46 -12.89 3.83
N SER A 332 3.10 -12.59 5.08
CA SER A 332 3.54 -11.30 5.61
C SER A 332 5.01 -11.18 5.88
N PHE A 333 5.49 -9.94 5.94
CA PHE A 333 6.95 -9.80 6.14
C PHE A 333 7.48 -9.84 7.57
N LEU A 334 6.76 -10.64 8.38
CA LEU A 334 7.13 -10.82 9.79
C LEU A 334 8.24 -11.86 9.96
N PRO A 335 9.10 -11.72 11.01
CA PRO A 335 10.06 -12.82 11.13
C PRO A 335 9.35 -14.12 11.51
N GLU A 336 9.91 -15.29 11.18
CA GLU A 336 9.03 -16.45 11.42
C GLU A 336 8.55 -16.78 12.82
N ASP A 337 9.37 -16.45 13.83
CA ASP A 337 8.71 -16.46 15.15
C ASP A 337 7.39 -15.63 15.36
N GLU A 338 7.46 -14.33 15.01
CA GLU A 338 6.22 -13.55 15.11
C GLU A 338 5.09 -14.00 14.17
N LYS A 339 5.55 -14.54 13.04
CA LYS A 339 4.59 -15.16 12.12
C LYS A 339 3.77 -16.33 12.65
N LYS A 340 4.48 -17.29 13.25
CA LYS A 340 3.71 -18.38 13.84
C LYS A 340 2.75 -17.96 14.97
N GLU A 341 3.17 -16.91 15.72
CA GLU A 341 2.19 -16.29 16.63
C GLU A 341 0.97 -15.58 16.02
N LEU A 342 1.19 -14.79 14.96
CA LEU A 342 0.04 -14.29 14.18
C LEU A 342 -0.88 -15.37 13.60
N LEU A 343 -0.23 -16.41 13.09
CA LEU A 343 -0.91 -17.67 12.72
C LEU A 343 -1.85 -18.29 13.76
N ASP A 344 -1.26 -18.47 14.96
CA ASP A 344 -2.01 -19.01 16.12
C ASP A 344 -3.28 -18.25 16.49
N LEU A 345 -3.12 -16.93 16.75
CA LEU A 345 -4.28 -16.03 16.97
C LEU A 345 -5.36 -16.15 15.89
N LEU A 346 -4.91 -16.29 14.64
CA LEU A 346 -5.90 -16.39 13.56
C LEU A 346 -6.70 -17.69 13.49
N TYR A 347 -5.99 -18.81 13.67
CA TYR A 347 -6.70 -20.10 13.74
C TYR A 347 -7.71 -20.20 14.86
N LYS A 348 -7.18 -19.85 16.05
CA LYS A 348 -8.05 -19.70 17.23
C LYS A 348 -9.30 -18.85 17.00
N ALA A 349 -9.06 -17.61 16.58
CA ALA A 349 -10.19 -16.80 16.18
C ALA A 349 -11.11 -17.42 15.17
N TYR A 350 -10.54 -18.11 14.19
CA TYR A 350 -11.45 -18.75 13.23
C TYR A 350 -12.18 -20.06 13.63
N ARG A 351 -12.10 -20.39 14.92
CA ARG A 351 -12.51 -21.76 15.30
C ARG A 351 -13.67 -21.89 16.31
#